data_8E0O
#
_entry.id   8E0O
#
_cell.length_a   58.957
_cell.length_b   61.662
_cell.length_c   73.691
_cell.angle_alpha   90.000
_cell.angle_beta   100.190
_cell.angle_gamma   90.000
#
_symmetry.space_group_name_H-M   'P 1 21 1'
#
loop_
_entity.id
_entity.type
_entity.pdbx_description
1 polymer hetBGL03-15-18a
2 polymer hetBGL03-15-18b
3 polymer hetBGL03-15-18c
4 water water
#
loop_
_entity_poly.entity_id
_entity_poly.type
_entity_poly.pdbx_seq_one_letter_code
_entity_poly.pdbx_strand_id
1 'polypeptide(L)'
;GSLELELQNLELLVHIAEVLARLARRTGNEEALEHAARVAEEVAKQAEEIAREARYRGDLRLALEALRIMVEAARVLAEI
ARERGNEELLQKAEELAREALRQVREISKRLQEEGNIELALKANRLLIDALEVLVRIMRHR
;
A
2 'polypeptide(L)'
;SSLEEKIEELVKELIKHTEELRRLLEKLVKEGGASEEYLLELLENLVRLARVIAEVAREQGNEELLEEAARLAEEAARQA
EELAREARYEGDLELALKALQILVNAARVLAEIARDRGNEELLQKAAELAKEAARQAEEIAKEARERGNFELALEALEIL
NEAARVLARIAHHRGNQELLEEAWRLTHRSAKWSREIAEQARKEGE
;
B
3 'polypeptide(L)'
;SPRLVLRALENMVRAAHTLAEIARDNGNEEWLERAARLAEEVARRAEELAREAREKGDLELALKALQILVNAAYVLAEIA
RDRGNEELLKKAHELARKAAEEAQKIAEQARYEGNLELFNKALRILLEAIRVLIEHDDSEEAARELIRRLEELLEQSRRS
MKG
;
C
#
# COMPACT_ATOMS: atom_id res chain seq x y z
N GLY A 1 -0.03 15.25 19.43
CA GLY A 1 1.27 15.71 18.97
C GLY A 1 1.16 16.80 17.91
N SER A 2 1.78 17.94 18.19
CA SER A 2 1.72 19.07 17.26
C SER A 2 2.45 18.76 15.97
N LEU A 3 3.74 18.38 16.08
CA LEU A 3 4.51 18.05 14.89
C LEU A 3 3.97 16.81 14.20
N GLU A 4 3.47 15.83 14.96
CA GLU A 4 2.87 14.65 14.36
C GLU A 4 1.63 15.02 13.56
N LEU A 5 0.81 15.93 14.09
CA LEU A 5 -0.33 16.42 13.32
C LEU A 5 0.11 17.29 12.15
N GLU A 6 1.20 18.03 12.32
CA GLU A 6 1.74 18.81 11.20
C GLU A 6 2.20 17.90 10.07
N LEU A 7 2.82 16.77 10.40
CA LEU A 7 3.25 15.82 9.38
C LEU A 7 2.06 15.17 8.68
N GLN A 8 0.97 14.92 9.43
CA GLN A 8 -0.23 14.36 8.82
C GLN A 8 -0.83 15.32 7.80
N ASN A 9 -0.81 16.62 8.10
CA ASN A 9 -1.35 17.60 7.16
C ASN A 9 -0.44 17.76 5.94
N LEU A 10 0.87 17.67 6.13
CA LEU A 10 1.79 17.80 5.02
C LEU A 10 1.66 16.62 4.05
N GLU A 11 1.45 15.41 4.57
CA GLU A 11 1.27 14.26 3.69
C GLU A 11 -0.02 14.38 2.89
N LEU A 12 -1.10 14.84 3.53
CA LEU A 12 -2.33 15.09 2.79
C LEU A 12 -2.14 16.20 1.77
N LEU A 13 -1.36 17.23 2.12
CA LEU A 13 -1.13 18.35 1.21
C LEU A 13 -0.45 17.90 -0.06
N VAL A 14 0.59 17.07 0.06
CA VAL A 14 1.33 16.65 -1.12
C VAL A 14 0.53 15.64 -1.94
N HIS A 15 -0.37 14.90 -1.30
CA HIS A 15 -1.21 13.97 -2.05
C HIS A 15 -2.33 14.68 -2.79
N ILE A 16 -2.83 15.80 -2.24
CA ILE A 16 -3.73 16.65 -3.01
C ILE A 16 -2.99 17.26 -4.19
N ALA A 17 -1.76 17.72 -3.96
CA ALA A 17 -0.98 18.33 -5.03
C ALA A 17 -0.67 17.32 -6.13
N GLU A 18 -0.43 16.06 -5.76
CA GLU A 18 -0.17 15.03 -6.76
C GLU A 18 -1.38 14.84 -7.67
N VAL A 19 -2.57 14.73 -7.08
CA VAL A 19 -3.78 14.56 -7.87
C VAL A 19 -4.09 15.81 -8.68
N LEU A 20 -3.88 16.99 -8.08
CA LEU A 20 -4.14 18.24 -8.79
C LEU A 20 -3.19 18.42 -9.96
N ALA A 21 -1.90 18.12 -9.76
CA ALA A 21 -0.94 18.25 -10.86
C ALA A 21 -1.26 17.28 -11.98
N ARG A 22 -1.69 16.07 -11.65
CA ARG A 22 -2.05 15.09 -12.66
C ARG A 22 -3.22 15.58 -13.51
N LEU A 23 -4.25 16.14 -12.86
CA LEU A 23 -5.42 16.60 -13.59
C LEU A 23 -5.18 17.91 -14.29
N ALA A 24 -4.45 18.84 -13.65
CA ALA A 24 -4.19 20.13 -14.27
C ALA A 24 -3.37 19.98 -15.55
N ARG A 25 -2.40 19.07 -15.54
CA ARG A 25 -1.60 18.83 -16.74
C ARG A 25 -2.43 18.20 -17.85
N ARG A 26 -3.46 17.43 -17.48
CA ARG A 26 -4.28 16.76 -18.49
C ARG A 26 -5.20 17.72 -19.22
N THR A 27 -5.53 18.86 -18.61
CA THR A 27 -6.42 19.84 -19.22
C THR A 27 -5.71 21.12 -19.65
N GLY A 28 -4.40 21.22 -19.42
CA GLY A 28 -3.67 22.40 -19.83
C GLY A 28 -3.82 23.60 -18.92
N ASN A 29 -4.08 23.38 -17.63
CA ASN A 29 -4.18 24.45 -16.65
C ASN A 29 -2.79 24.66 -16.05
N GLU A 30 -2.04 25.60 -16.61
CA GLU A 30 -0.67 25.83 -16.15
C GLU A 30 -0.63 26.43 -14.75
N GLU A 31 -1.62 27.26 -14.40
CA GLU A 31 -1.62 27.88 -13.08
C GLU A 31 -1.89 26.87 -11.99
N ALA A 32 -2.87 25.98 -12.19
CA ALA A 32 -3.12 24.93 -11.21
C ALA A 32 -1.97 23.93 -11.15
N LEU A 33 -1.31 23.69 -12.28
CA LEU A 33 -0.17 22.78 -12.29
C LEU A 33 1.02 23.39 -11.56
N GLU A 34 1.29 24.68 -11.80
CA GLU A 34 2.37 25.35 -11.09
C GLU A 34 2.06 25.45 -9.60
N HIS A 35 0.78 25.67 -9.26
CA HIS A 35 0.39 25.72 -7.85
C HIS A 35 0.63 24.38 -7.17
N ALA A 36 0.28 23.28 -7.84
CA ALA A 36 0.51 21.96 -7.26
C ALA A 36 2.00 21.68 -7.12
N ALA A 37 2.81 22.18 -8.05
CA ALA A 37 4.25 21.98 -7.96
C ALA A 37 4.85 22.75 -6.79
N ARG A 38 4.33 23.97 -6.54
CA ARG A 38 4.84 24.75 -5.42
C ARG A 38 4.50 24.11 -4.08
N VAL A 39 3.29 23.56 -3.96
CA VAL A 39 2.87 22.94 -2.71
C VAL A 39 3.72 21.70 -2.43
N ALA A 40 3.96 20.87 -3.45
CA ALA A 40 4.79 19.69 -3.27
C ALA A 40 6.21 20.07 -2.88
N GLU A 41 6.73 21.17 -3.43
CA GLU A 41 8.05 21.63 -3.05
C GLU A 41 8.07 22.14 -1.61
N GLU A 42 7.06 22.92 -1.22
CA GLU A 42 7.01 23.43 0.15
C GLU A 42 6.82 22.32 1.17
N VAL A 43 6.06 21.28 0.82
CA VAL A 43 5.87 20.15 1.74
C VAL A 43 7.19 19.45 1.98
N ALA A 44 7.98 19.24 0.92
CA ALA A 44 9.29 18.60 1.07
C ALA A 44 10.21 19.46 1.94
N LYS A 45 10.17 20.78 1.76
CA LYS A 45 10.99 21.66 2.58
C LYS A 45 10.54 21.64 4.04
N GLN A 46 9.24 21.70 4.27
CA GLN A 46 8.74 21.68 5.65
C GLN A 46 8.97 20.34 6.31
N ALA A 47 8.89 19.24 5.56
CA ALA A 47 9.14 17.93 6.12
C ALA A 47 10.61 17.78 6.53
N GLU A 48 11.53 18.35 5.75
CA GLU A 48 12.94 18.27 6.11
C GLU A 48 13.24 19.08 7.36
N GLU A 49 12.59 20.25 7.51
CA GLU A 49 12.79 21.07 8.70
C GLU A 49 12.27 20.36 9.95
N ILE A 50 11.16 19.63 9.82
CA ILE A 50 10.62 18.90 10.96
C ILE A 50 11.54 17.73 11.30
N ALA A 51 12.08 17.07 10.28
CA ALA A 51 13.05 15.98 10.52
C ALA A 51 14.29 16.51 11.23
N ARG A 52 14.82 17.65 10.77
CA ARG A 52 15.98 18.24 11.42
C ARG A 52 15.67 18.66 12.85
N GLU A 53 14.48 19.24 13.07
CA GLU A 53 14.08 19.60 14.42
C GLU A 53 13.91 18.36 15.30
N ALA A 54 13.37 17.29 14.73
CA ALA A 54 13.24 16.04 15.48
C ALA A 54 14.61 15.44 15.78
N ARG A 55 15.56 15.57 14.85
CA ARG A 55 16.91 15.09 15.13
C ARG A 55 17.60 15.93 16.20
N TYR A 56 17.30 17.23 16.25
CA TYR A 56 17.82 18.06 17.34
C TYR A 56 17.33 17.54 18.69
N ARG A 57 16.04 17.25 18.79
CA ARG A 57 15.46 16.78 20.05
C ARG A 57 15.92 15.37 20.41
N GLY A 58 16.47 14.62 19.46
CA GLY A 58 16.74 13.22 19.68
C GLY A 58 15.54 12.32 19.47
N ASP A 59 14.46 12.83 18.88
CA ASP A 59 13.26 12.05 18.60
C ASP A 59 13.41 11.43 17.23
N LEU A 60 14.11 10.30 17.18
CA LEU A 60 14.46 9.68 15.92
C LEU A 60 13.25 9.01 15.26
N ARG A 61 12.26 8.59 16.05
CA ARG A 61 11.04 8.05 15.47
C ARG A 61 10.27 9.13 14.71
N LEU A 62 10.15 10.31 15.30
CA LEU A 62 9.50 11.43 14.61
C LEU A 62 10.31 11.86 13.39
N ALA A 63 11.64 11.79 13.49
CA ALA A 63 12.48 12.17 12.36
C ALA A 63 12.28 11.22 11.18
N LEU A 64 12.15 9.92 11.45
CA LEU A 64 11.93 8.97 10.39
C LEU A 64 10.58 9.17 9.73
N GLU A 65 9.56 9.55 10.50
CA GLU A 65 8.25 9.81 9.93
C GLU A 65 8.27 11.07 9.07
N ALA A 66 9.01 12.09 9.50
CA ALA A 66 9.13 13.30 8.69
C ALA A 66 9.91 13.03 7.41
N LEU A 67 10.96 12.20 7.48
CA LEU A 67 11.73 11.89 6.29
C LEU A 67 10.94 11.03 5.32
N ARG A 68 10.04 10.19 5.83
CA ARG A 68 9.15 9.44 4.94
C ARG A 68 8.28 10.38 4.12
N ILE A 69 7.74 11.42 4.75
CA ILE A 69 6.97 12.42 4.00
C ILE A 69 7.87 13.16 3.02
N MET A 70 9.12 13.42 3.41
CA MET A 70 10.06 14.07 2.51
C MET A 70 10.30 13.23 1.26
N VAL A 71 10.48 11.93 1.43
CA VAL A 71 10.69 11.04 0.28
C VAL A 71 9.45 11.04 -0.61
N GLU A 72 8.26 11.00 -0.01
CA GLU A 72 7.03 10.99 -0.78
C GLU A 72 6.86 12.30 -1.56
N ALA A 73 7.20 13.42 -0.94
CA ALA A 73 7.11 14.70 -1.64
C ALA A 73 8.12 14.76 -2.79
N ALA A 74 9.30 14.17 -2.60
CA ALA A 74 10.28 14.12 -3.68
C ALA A 74 9.79 13.25 -4.84
N ARG A 75 9.09 12.16 -4.52
CA ARG A 75 8.54 11.29 -5.56
C ARG A 75 7.47 12.03 -6.37
N VAL A 76 6.56 12.71 -5.66
CA VAL A 76 5.52 13.49 -6.34
C VAL A 76 6.15 14.60 -7.18
N LEU A 77 7.14 15.29 -6.62
CA LEU A 77 7.81 16.36 -7.36
C LEU A 77 8.46 15.83 -8.63
N ALA A 78 9.12 14.67 -8.55
CA ALA A 78 9.81 14.12 -9.71
C ALA A 78 8.83 13.70 -10.80
N GLU A 79 7.65 13.19 -10.43
CA GLU A 79 6.67 12.80 -11.43
C GLU A 79 6.14 14.01 -12.18
N ILE A 80 5.92 15.13 -11.48
CA ILE A 80 5.49 16.35 -12.14
C ILE A 80 6.57 16.83 -13.12
N ALA A 81 7.83 16.79 -12.69
CA ALA A 81 8.91 17.26 -13.55
C ALA A 81 9.10 16.34 -14.75
N ARG A 82 8.90 15.03 -14.57
CA ARG A 82 9.06 14.10 -15.68
C ARG A 82 8.01 14.36 -16.76
N GLU A 83 6.75 14.54 -16.35
CA GLU A 83 5.68 14.78 -17.31
C GLU A 83 5.89 16.07 -18.09
N ARG A 84 6.61 17.03 -17.51
CA ARG A 84 6.81 18.33 -18.12
C ARG A 84 8.13 18.48 -18.84
N GLY A 85 9.04 17.50 -18.71
CA GLY A 85 10.38 17.69 -19.23
C GLY A 85 11.14 18.80 -18.52
N ASN A 86 10.82 19.05 -17.25
CA ASN A 86 11.43 20.12 -16.47
C ASN A 86 12.70 19.56 -15.82
N GLU A 87 13.85 19.93 -16.36
CA GLU A 87 15.12 19.39 -15.83
C GLU A 87 15.45 19.99 -14.47
N GLU A 88 15.20 21.30 -14.30
CA GLU A 88 15.52 21.95 -13.03
C GLU A 88 14.71 21.37 -11.89
N LEU A 89 13.41 21.16 -12.09
CA LEU A 89 12.57 20.59 -11.04
C LEU A 89 12.91 19.13 -10.79
N LEU A 90 13.32 18.40 -11.83
CA LEU A 90 13.71 17.01 -11.65
C LEU A 90 14.97 16.89 -10.81
N GLN A 91 15.94 17.79 -11.04
CA GLN A 91 17.15 17.79 -10.22
C GLN A 91 16.85 18.22 -8.79
N LYS A 92 15.89 19.11 -8.59
CA LYS A 92 15.48 19.47 -7.23
C LYS A 92 14.87 18.28 -6.52
N ALA A 93 14.05 17.49 -7.24
CA ALA A 93 13.44 16.31 -6.63
C ALA A 93 14.49 15.24 -6.33
N GLU A 94 15.47 15.08 -7.22
CA GLU A 94 16.52 14.09 -6.97
C GLU A 94 17.37 14.47 -5.77
N GLU A 95 17.68 15.76 -5.62
CA GLU A 95 18.48 16.20 -4.49
C GLU A 95 17.70 16.06 -3.17
N LEU A 96 16.38 16.26 -3.22
CA LEU A 96 15.58 16.04 -2.03
C LEU A 96 15.57 14.58 -1.62
N ALA A 97 15.42 13.67 -2.60
CA ALA A 97 15.45 12.25 -2.29
C ALA A 97 16.83 11.82 -1.81
N ARG A 98 17.89 12.39 -2.39
CA ARG A 98 19.24 12.07 -1.95
C ARG A 98 19.49 12.55 -0.53
N GLU A 99 19.00 13.75 -0.20
CA GLU A 99 19.19 14.27 1.15
C GLU A 99 18.43 13.44 2.17
N ALA A 100 17.20 13.04 1.85
CA ALA A 100 16.44 12.20 2.77
C ALA A 100 17.12 10.85 2.95
N LEU A 101 17.64 10.27 1.85
CA LEU A 101 18.34 9.00 1.93
C LEU A 101 19.56 9.10 2.85
N ARG A 102 20.27 10.22 2.78
CA ARG A 102 21.46 10.39 3.63
C ARG A 102 21.07 10.52 5.10
N GLN A 103 19.98 11.23 5.39
CA GLN A 103 19.56 11.39 6.78
C GLN A 103 19.05 10.07 7.36
N VAL A 104 18.33 9.29 6.56
CA VAL A 104 17.84 7.99 7.05
C VAL A 104 19.01 7.05 7.32
N ARG A 105 20.05 7.11 6.47
CA ARG A 105 21.22 6.28 6.69
C ARG A 105 21.94 6.67 7.97
N GLU A 106 22.07 7.97 8.23
CA GLU A 106 22.70 8.42 9.47
C GLU A 106 21.90 7.99 10.69
N ILE A 107 20.57 8.13 10.63
CA ILE A 107 19.73 7.73 11.75
C ILE A 107 19.78 6.22 11.94
N SER A 108 19.79 5.46 10.85
CA SER A 108 19.82 4.00 10.96
C SER A 108 21.11 3.52 11.62
N LYS A 109 22.23 4.17 11.34
CA LYS A 109 23.48 3.79 11.98
C LYS A 109 23.47 4.16 13.47
N ARG A 110 22.89 5.30 13.81
CA ARG A 110 22.81 5.69 15.22
C ARG A 110 21.88 4.76 16.00
N LEU A 111 20.80 4.30 15.37
CA LEU A 111 19.89 3.39 16.04
C LEU A 111 20.54 2.02 16.24
N GLN A 112 21.32 1.56 15.26
CA GLN A 112 21.99 0.27 15.39
C GLN A 112 23.06 0.32 16.48
N GLU A 113 23.74 1.46 16.62
CA GLU A 113 24.73 1.60 17.67
C GLU A 113 24.08 1.58 19.06
N GLU A 114 22.91 2.23 19.18
CA GLU A 114 22.18 2.25 20.44
C GLU A 114 21.47 0.95 20.75
N GLY A 115 21.47 -0.01 19.83
CA GLY A 115 20.73 -1.24 20.05
C GLY A 115 19.23 -1.09 19.93
N ASN A 116 18.75 0.00 19.33
CA ASN A 116 17.33 0.24 19.17
C ASN A 116 16.87 -0.49 17.91
N ILE A 117 16.46 -1.75 18.09
CA ILE A 117 16.16 -2.60 16.94
C ILE A 117 14.82 -2.25 16.32
N GLU A 118 13.82 -1.94 17.14
CA GLU A 118 12.52 -1.57 16.60
C GLU A 118 12.64 -0.39 15.64
N LEU A 119 13.30 0.68 16.07
CA LEU A 119 13.47 1.85 15.21
C LEU A 119 14.45 1.59 14.08
N ALA A 120 15.46 0.73 14.31
CA ALA A 120 16.38 0.39 13.24
C ALA A 120 15.68 -0.36 12.11
N LEU A 121 14.68 -1.19 12.44
CA LEU A 121 13.91 -1.87 11.41
C LEU A 121 13.07 -0.89 10.61
N LYS A 122 12.44 0.07 11.28
CA LYS A 122 11.69 1.11 10.58
C LYS A 122 12.61 1.92 9.68
N ALA A 123 13.80 2.26 10.16
CA ALA A 123 14.73 3.04 9.36
C ALA A 123 15.21 2.27 8.14
N ASN A 124 15.46 0.97 8.30
CA ASN A 124 15.88 0.16 7.16
C ASN A 124 14.75 0.03 6.13
N ARG A 125 13.52 -0.09 6.59
CA ARG A 125 12.38 -0.14 5.66
C ARG A 125 12.28 1.15 4.88
N LEU A 126 12.42 2.30 5.54
CA LEU A 126 12.42 3.58 4.84
C LEU A 126 13.63 3.71 3.94
N LEU A 127 14.78 3.17 4.35
CA LEU A 127 15.97 3.20 3.50
C LEU A 127 15.73 2.47 2.18
N ILE A 128 15.05 1.32 2.24
CA ILE A 128 14.72 0.60 1.01
C ILE A 128 13.74 1.40 0.17
N ASP A 129 12.70 1.95 0.80
CA ASP A 129 11.70 2.74 0.07
C ASP A 129 12.31 4.00 -0.51
N ALA A 130 13.28 4.61 0.18
CA ALA A 130 13.90 5.84 -0.32
C ALA A 130 14.78 5.57 -1.53
N LEU A 131 15.48 4.44 -1.54
CA LEU A 131 16.31 4.11 -2.69
C LEU A 131 15.47 3.80 -3.92
N GLU A 132 14.33 3.13 -3.71
CA GLU A 132 13.42 2.86 -4.82
C GLU A 132 12.93 4.16 -5.44
N VAL A 133 12.64 5.16 -4.61
CA VAL A 133 12.21 6.46 -5.13
C VAL A 133 13.36 7.14 -5.87
N LEU A 134 14.56 7.13 -5.29
CA LEU A 134 15.70 7.79 -5.92
C LEU A 134 16.04 7.14 -7.25
N VAL A 135 16.07 5.80 -7.28
CA VAL A 135 16.41 5.10 -8.52
C VAL A 135 15.40 5.41 -9.61
N ARG A 136 14.12 5.45 -9.26
CA ARG A 136 13.09 5.81 -10.23
C ARG A 136 13.28 7.24 -10.73
N ILE A 137 13.70 8.15 -9.85
CA ILE A 137 13.94 9.54 -10.25
C ILE A 137 15.09 9.60 -11.26
N MET A 138 16.15 8.84 -11.01
CA MET A 138 17.31 8.85 -11.89
C MET A 138 17.02 8.21 -13.24
N ARG A 139 15.95 7.43 -13.36
CA ARG A 139 15.73 6.63 -14.57
C ARG A 139 14.87 7.32 -15.61
N HIS A 140 13.93 8.19 -15.22
CA HIS A 140 13.11 8.91 -16.18
C HIS A 140 13.70 10.27 -16.55
N ARG A 141 15.03 10.38 -16.56
CA ARG A 141 15.69 11.60 -17.01
C ARG A 141 16.35 11.36 -18.35
N SER B 1 24.53 3.26 -18.62
CA SER B 1 25.98 3.14 -18.54
C SER B 1 26.49 3.63 -17.18
N SER B 2 27.08 4.83 -17.18
CA SER B 2 27.57 5.41 -15.93
C SER B 2 26.43 5.69 -14.96
N LEU B 3 25.27 6.11 -15.47
CA LEU B 3 24.09 6.23 -14.62
C LEU B 3 23.65 4.87 -14.10
N GLU B 4 23.73 3.84 -14.95
CA GLU B 4 23.46 2.48 -14.47
C GLU B 4 24.50 2.03 -13.46
N GLU B 5 25.76 2.46 -13.66
CA GLU B 5 26.81 2.13 -12.69
C GLU B 5 26.56 2.81 -11.35
N LYS B 6 26.01 4.01 -11.36
CA LYS B 6 25.69 4.69 -10.11
C LYS B 6 24.50 4.01 -9.42
N ILE B 7 23.53 3.54 -10.19
CA ILE B 7 22.39 2.86 -9.60
C ILE B 7 22.81 1.52 -8.99
N GLU B 8 23.68 0.78 -9.69
CA GLU B 8 24.18 -0.48 -9.15
C GLU B 8 25.01 -0.25 -7.90
N GLU B 9 25.73 0.87 -7.83
CA GLU B 9 26.50 1.18 -6.62
C GLU B 9 25.57 1.52 -5.45
N LEU B 10 24.43 2.18 -5.74
CA LEU B 10 23.48 2.49 -4.69
C LEU B 10 22.80 1.23 -4.16
N VAL B 11 22.41 0.32 -5.06
CA VAL B 11 21.76 -0.91 -4.63
C VAL B 11 22.74 -1.78 -3.86
N LYS B 12 24.01 -1.82 -4.29
CA LYS B 12 25.01 -2.58 -3.56
C LYS B 12 25.24 -2.02 -2.16
N GLU B 13 25.10 -0.70 -2.00
CA GLU B 13 25.26 -0.10 -0.68
C GLU B 13 24.07 -0.44 0.22
N LEU B 14 22.86 -0.46 -0.34
CA LEU B 14 21.69 -0.84 0.45
C LEU B 14 21.76 -2.29 0.88
N ILE B 15 22.31 -3.15 0.02
CA ILE B 15 22.47 -4.56 0.38
C ILE B 15 23.43 -4.70 1.56
N LYS B 16 24.57 -4.03 1.49
CA LYS B 16 25.55 -4.11 2.58
C LYS B 16 24.97 -3.51 3.86
N HIS B 17 24.18 -2.45 3.76
N HIS B 17 24.19 -2.45 3.75
CA HIS B 17 23.58 -1.88 4.95
CA HIS B 17 23.56 -1.86 4.93
C HIS B 17 22.56 -2.82 5.56
C HIS B 17 22.56 -2.82 5.56
N THR B 18 21.74 -3.46 4.74
CA THR B 18 20.74 -4.39 5.25
C THR B 18 21.39 -5.64 5.82
N GLU B 19 22.47 -6.12 5.19
CA GLU B 19 23.20 -7.26 5.72
C GLU B 19 23.83 -6.94 7.06
N GLU B 20 24.22 -5.68 7.28
CA GLU B 20 24.72 -5.28 8.59
C GLU B 20 23.63 -5.37 9.65
N LEU B 21 22.40 -4.99 9.29
CA LEU B 21 21.28 -5.16 10.22
C LEU B 21 21.01 -6.63 10.49
N ARG B 22 21.15 -7.47 9.46
CA ARG B 22 21.02 -8.91 9.67
C ARG B 22 22.09 -9.43 10.61
N ARG B 23 23.32 -8.94 10.46
CA ARG B 23 24.40 -9.35 11.36
C ARG B 23 24.13 -8.88 12.78
N LEU B 24 23.52 -7.70 12.93
CA LEU B 24 23.21 -7.19 14.26
C LEU B 24 22.13 -8.03 14.94
N LEU B 25 21.10 -8.41 14.19
CA LEU B 25 20.06 -9.27 14.76
C LEU B 25 20.58 -10.67 15.03
N GLU B 26 21.50 -11.16 14.20
CA GLU B 26 22.08 -12.47 14.42
C GLU B 26 22.87 -12.51 15.73
N LYS B 27 23.65 -11.46 15.98
CA LYS B 27 24.40 -11.37 17.23
C LYS B 27 23.50 -11.08 18.43
N LEU B 28 22.23 -10.74 18.21
CA LEU B 28 21.30 -10.49 19.30
C LEU B 28 20.56 -11.75 19.75
N VAL B 29 20.70 -12.86 19.02
CA VAL B 29 20.22 -14.14 19.52
C VAL B 29 21.08 -14.64 20.67
N LYS B 30 22.28 -14.07 20.83
CA LYS B 30 23.17 -14.46 21.93
C LYS B 30 22.55 -14.17 23.29
N GLU B 31 21.62 -13.22 23.36
CA GLU B 31 20.94 -12.89 24.61
C GLU B 31 19.43 -12.78 24.46
N GLY B 32 18.88 -13.03 23.28
CA GLY B 32 17.46 -12.94 23.07
C GLY B 32 16.96 -11.53 22.78
N SER B 35 13.14 -10.64 19.64
CA SER B 35 13.32 -12.04 19.28
C SER B 35 12.49 -12.43 18.06
N GLU B 36 11.20 -12.64 18.28
CA GLU B 36 10.30 -13.16 17.26
C GLU B 36 9.74 -12.06 16.37
N GLU B 37 9.07 -11.07 16.97
CA GLU B 37 8.39 -10.03 16.18
C GLU B 37 9.36 -9.24 15.32
N TYR B 38 10.57 -8.99 15.84
CA TYR B 38 11.56 -8.24 15.07
C TYR B 38 12.27 -9.10 14.04
N LEU B 39 12.24 -10.42 14.19
CA LEU B 39 12.76 -11.29 13.14
C LEU B 39 11.81 -11.30 11.94
N LEU B 40 10.51 -11.36 12.19
CA LEU B 40 9.54 -11.33 11.10
C LEU B 40 9.60 -9.99 10.37
N GLU B 41 9.81 -8.90 11.10
CA GLU B 41 9.89 -7.60 10.46
C GLU B 41 11.14 -7.49 9.59
N LEU B 42 12.25 -8.09 10.03
CA LEU B 42 13.45 -8.11 9.19
C LEU B 42 13.22 -8.91 7.92
N LEU B 43 12.49 -10.03 8.03
CA LEU B 43 12.16 -10.80 6.84
C LEU B 43 11.27 -10.02 5.90
N GLU B 44 10.37 -9.19 6.45
CA GLU B 44 9.54 -8.33 5.61
C GLU B 44 10.39 -7.31 4.86
N ASN B 45 11.41 -6.76 5.52
CA ASN B 45 12.31 -5.83 4.85
C ASN B 45 13.11 -6.53 3.75
N LEU B 46 13.51 -7.79 3.99
CA LEU B 46 14.28 -8.52 2.98
C LEU B 46 13.45 -8.76 1.73
N VAL B 47 12.15 -9.05 1.89
CA VAL B 47 11.29 -9.22 0.73
C VAL B 47 11.13 -7.89 -0.01
N ARG B 48 10.95 -6.80 0.74
CA ARG B 48 10.86 -5.48 0.11
C ARG B 48 12.18 -5.12 -0.58
N LEU B 49 13.31 -5.47 0.03
CA LEU B 49 14.59 -5.23 -0.59
C LEU B 49 14.76 -6.06 -1.86
N ALA B 50 14.34 -7.34 -1.80
CA ALA B 50 14.44 -8.20 -2.98
C ALA B 50 13.58 -7.67 -4.12
N ARG B 51 12.42 -7.09 -3.80
CA ARG B 51 11.57 -6.50 -4.82
C ARG B 51 12.26 -5.32 -5.50
N VAL B 52 12.91 -4.45 -4.71
CA VAL B 52 13.59 -3.29 -5.29
C VAL B 52 14.81 -3.73 -6.09
N ILE B 53 15.50 -4.78 -5.64
CA ILE B 53 16.68 -5.26 -6.34
C ILE B 53 16.30 -5.80 -7.70
N ALA B 54 15.26 -6.64 -7.75
CA ALA B 54 14.84 -7.25 -9.01
C ALA B 54 14.33 -6.20 -10.00
N GLU B 55 13.67 -5.16 -9.49
CA GLU B 55 13.19 -4.10 -10.37
C GLU B 55 14.35 -3.34 -10.99
N VAL B 56 15.44 -3.15 -10.23
CA VAL B 56 16.62 -2.49 -10.77
C VAL B 56 17.32 -3.40 -11.78
N ALA B 57 17.43 -4.69 -11.47
CA ALA B 57 18.12 -5.62 -12.35
C ALA B 57 17.35 -5.84 -13.66
N ARG B 58 16.03 -5.72 -13.63
CA ARG B 58 15.24 -5.97 -14.83
C ARG B 58 15.51 -4.91 -15.90
N GLU B 59 15.68 -3.65 -15.49
CA GLU B 59 15.93 -2.59 -16.46
C GLU B 59 17.37 -2.57 -16.93
N GLN B 60 18.32 -2.98 -16.09
CA GLN B 60 19.73 -2.97 -16.45
C GLN B 60 20.19 -4.27 -17.08
N GLY B 61 19.31 -5.26 -17.19
CA GLY B 61 19.73 -6.56 -17.72
C GLY B 61 20.73 -7.26 -16.83
N ASN B 62 20.75 -6.95 -15.54
CA ASN B 62 21.71 -7.52 -14.60
C ASN B 62 21.21 -8.90 -14.17
N GLU B 63 21.83 -9.94 -14.71
CA GLU B 63 21.43 -11.30 -14.33
C GLU B 63 21.95 -11.67 -12.95
N GLU B 64 23.10 -11.12 -12.54
CA GLU B 64 23.64 -11.43 -11.23
C GLU B 64 22.79 -10.80 -10.12
N LEU B 65 22.34 -9.56 -10.32
CA LEU B 65 21.50 -8.90 -9.33
C LEU B 65 20.14 -9.56 -9.23
N LEU B 66 19.59 -9.99 -10.37
CA LEU B 66 18.29 -10.67 -10.35
C LEU B 66 18.36 -11.98 -9.57
N GLU B 67 19.45 -12.74 -9.76
CA GLU B 67 19.62 -13.98 -9.00
C GLU B 67 19.84 -13.69 -7.53
N GLU B 68 20.49 -12.56 -7.20
CA GLU B 68 20.67 -12.18 -5.80
C GLU B 68 19.33 -11.79 -5.16
N ALA B 69 18.42 -11.20 -5.94
CA ALA B 69 17.10 -10.89 -5.42
C ALA B 69 16.29 -12.14 -5.16
N ALA B 70 16.37 -13.12 -6.07
CA ALA B 70 15.64 -14.37 -5.89
C ALA B 70 16.13 -15.11 -4.65
N ARG B 71 17.45 -15.27 -4.53
CA ARG B 71 18.02 -15.96 -3.37
C ARG B 71 17.65 -15.26 -2.07
N LEU B 72 17.51 -13.94 -2.10
CA LEU B 72 17.10 -13.21 -0.89
C LEU B 72 15.63 -13.47 -0.58
N ALA B 73 14.81 -13.65 -1.60
CA ALA B 73 13.39 -13.92 -1.38
C ALA B 73 13.14 -15.35 -0.92
N GLU B 74 13.91 -16.32 -1.42
CA GLU B 74 13.73 -17.70 -1.00
C GLU B 74 14.12 -17.89 0.47
N GLU B 75 15.22 -17.25 0.89
CA GLU B 75 15.64 -17.35 2.29
C GLU B 75 14.61 -16.72 3.21
N ALA B 76 14.03 -15.59 2.80
CA ALA B 76 12.96 -14.98 3.58
C ALA B 76 11.74 -15.89 3.64
N ALA B 77 11.43 -16.57 2.53
CA ALA B 77 10.31 -17.50 2.53
C ALA B 77 10.61 -18.75 3.36
N ARG B 78 11.84 -19.25 3.29
CA ARG B 78 12.22 -20.41 4.08
C ARG B 78 12.09 -20.12 5.58
N GLN B 79 12.61 -18.97 6.01
CA GLN B 79 12.54 -18.61 7.43
C GLN B 79 11.08 -18.39 7.85
N ALA B 80 10.33 -17.60 7.08
CA ALA B 80 8.94 -17.30 7.44
C ALA B 80 8.12 -18.57 7.60
N GLU B 81 8.33 -19.56 6.72
CA GLU B 81 7.63 -20.83 6.87
C GLU B 81 8.06 -21.55 8.14
N GLU B 82 9.32 -21.41 8.55
CA GLU B 82 9.78 -22.05 9.78
C GLU B 82 9.23 -21.35 11.01
N LEU B 83 9.23 -20.00 11.02
CA LEU B 83 8.68 -19.27 12.14
C LEU B 83 7.17 -19.45 12.25
N ALA B 84 6.47 -19.58 11.11
CA ALA B 84 5.03 -19.85 11.16
C ALA B 84 4.75 -21.21 11.78
N ARG B 85 5.59 -22.20 11.46
CA ARG B 85 5.41 -23.55 12.02
C ARG B 85 5.68 -23.56 13.51
N GLU B 86 6.71 -22.83 13.96
CA GLU B 86 7.00 -22.77 15.39
C GLU B 86 5.93 -21.97 16.14
N ALA B 87 5.42 -20.91 15.52
CA ALA B 87 4.40 -20.09 16.19
C ALA B 87 3.12 -20.89 16.40
N ARG B 88 2.71 -21.69 15.41
CA ARG B 88 1.54 -22.54 15.58
C ARG B 88 1.78 -23.58 16.66
N TYR B 89 2.97 -24.18 16.68
CA TYR B 89 3.32 -25.16 17.69
C TYR B 89 3.23 -24.56 19.10
N GLU B 90 3.59 -23.28 19.23
CA GLU B 90 3.64 -22.61 20.52
C GLU B 90 2.36 -21.86 20.85
N GLY B 91 1.31 -22.02 20.05
CA GLY B 91 0.04 -21.39 20.33
C GLY B 91 -0.02 -19.91 20.03
N ASP B 92 0.92 -19.38 19.26
CA ASP B 92 0.92 -17.97 18.89
C ASP B 92 0.43 -17.85 17.45
N LEU B 93 -0.90 -17.89 17.30
CA LEU B 93 -1.49 -17.87 15.97
C LEU B 93 -1.40 -16.49 15.33
N GLU B 94 -1.38 -15.44 16.15
CA GLU B 94 -1.19 -14.10 15.61
C GLU B 94 0.17 -13.96 14.94
N LEU B 95 1.22 -14.45 15.61
CA LEU B 95 2.55 -14.42 15.02
C LEU B 95 2.66 -15.34 13.81
N ALA B 96 1.92 -16.45 13.81
CA ALA B 96 1.95 -17.36 12.68
C ALA B 96 1.38 -16.72 11.43
N LEU B 97 0.27 -15.98 11.57
CA LEU B 97 -0.32 -15.32 10.41
C LEU B 97 0.61 -14.23 9.87
N LYS B 98 1.32 -13.54 10.75
CA LYS B 98 2.29 -12.54 10.29
C LYS B 98 3.42 -13.18 9.49
N ALA B 99 3.80 -14.41 9.84
CA ALA B 99 4.82 -15.11 9.07
C ALA B 99 4.26 -15.63 7.75
N LEU B 100 2.98 -15.98 7.72
CA LEU B 100 2.35 -16.43 6.48
C LEU B 100 2.25 -15.29 5.46
N GLN B 101 2.03 -14.05 5.94
CA GLN B 101 1.96 -12.92 5.04
C GLN B 101 3.31 -12.67 4.36
N ILE B 102 4.40 -12.80 5.12
CA ILE B 102 5.72 -12.70 4.53
C ILE B 102 5.93 -13.80 3.50
N LEU B 103 5.40 -15.00 3.79
CA LEU B 103 5.52 -16.11 2.87
C LEU B 103 4.84 -15.79 1.53
N VAL B 104 3.65 -15.17 1.58
CA VAL B 104 2.96 -14.80 0.35
C VAL B 104 3.72 -13.71 -0.39
N ASN B 105 4.24 -12.72 0.35
CA ASN B 105 4.95 -11.62 -0.30
C ASN B 105 6.23 -12.11 -0.95
N ALA B 106 6.96 -13.01 -0.29
CA ALA B 106 8.16 -13.58 -0.89
C ALA B 106 7.81 -14.43 -2.11
N ALA B 107 6.69 -15.14 -2.06
CA ALA B 107 6.27 -15.95 -3.20
C ALA B 107 5.86 -15.09 -4.37
N ARG B 108 5.33 -13.89 -4.12
CA ARG B 108 4.94 -13.00 -5.21
C ARG B 108 6.15 -12.52 -5.99
N VAL B 109 7.20 -12.07 -5.30
CA VAL B 109 8.38 -11.58 -5.99
C VAL B 109 9.13 -12.72 -6.67
N LEU B 110 9.03 -13.94 -6.13
CA LEU B 110 9.70 -15.07 -6.75
C LEU B 110 9.00 -15.49 -8.04
N ALA B 111 7.67 -15.36 -8.08
CA ALA B 111 6.95 -15.63 -9.32
C ALA B 111 7.20 -14.55 -10.36
N GLU B 112 7.43 -13.32 -9.93
CA GLU B 112 7.69 -12.24 -10.88
C GLU B 112 9.08 -12.36 -11.49
N ILE B 113 10.07 -12.76 -10.69
CA ILE B 113 11.40 -13.02 -11.24
C ILE B 113 11.35 -14.20 -12.20
N ALA B 114 10.59 -15.25 -11.85
CA ALA B 114 10.43 -16.39 -12.74
C ALA B 114 9.67 -16.01 -14.01
N ARG B 115 8.90 -14.92 -13.97
CA ARG B 115 8.23 -14.44 -15.18
C ARG B 115 9.18 -13.55 -15.99
N ASP B 116 10.00 -12.74 -15.32
CA ASP B 116 10.98 -11.93 -16.04
C ASP B 116 12.10 -12.79 -16.60
N ARG B 117 12.62 -13.72 -15.80
CA ARG B 117 13.65 -14.65 -16.23
C ARG B 117 13.03 -16.05 -16.30
N GLY B 118 13.04 -16.62 -17.50
CA GLY B 118 12.46 -17.93 -17.73
C GLY B 118 13.04 -19.03 -16.85
N ASN B 119 12.30 -19.39 -15.81
CA ASN B 119 12.74 -20.42 -14.87
C ASN B 119 11.50 -21.19 -14.40
N GLU B 120 11.34 -22.42 -14.90
CA GLU B 120 10.18 -23.22 -14.53
C GLU B 120 10.28 -23.71 -13.09
N GLU B 121 11.49 -24.03 -12.63
CA GLU B 121 11.67 -24.51 -11.26
C GLU B 121 11.36 -23.41 -10.25
N LEU B 122 11.74 -22.16 -10.57
CA LEU B 122 11.45 -21.05 -9.67
C LEU B 122 9.96 -20.69 -9.67
N LEU B 123 9.29 -20.89 -10.80
CA LEU B 123 7.86 -20.60 -10.87
C LEU B 123 7.06 -21.62 -10.05
N GLN B 124 7.35 -22.90 -10.22
CA GLN B 124 6.68 -23.92 -9.42
C GLN B 124 7.02 -23.78 -7.94
N LYS B 125 8.22 -23.28 -7.63
CA LYS B 125 8.58 -22.99 -6.24
C LYS B 125 7.68 -21.91 -5.68
N ALA B 126 7.46 -20.83 -6.45
CA ALA B 126 6.63 -19.73 -5.97
C ALA B 126 5.18 -20.17 -5.78
N ALA B 127 4.68 -21.04 -6.66
CA ALA B 127 3.32 -21.54 -6.51
C ALA B 127 3.21 -22.46 -5.29
N GLU B 128 4.25 -23.25 -5.02
CA GLU B 128 4.22 -24.13 -3.87
C GLU B 128 4.23 -23.34 -2.57
N LEU B 129 4.94 -22.22 -2.53
CA LEU B 129 4.91 -21.37 -1.35
C LEU B 129 3.53 -20.77 -1.14
N ALA B 130 2.97 -20.15 -2.18
CA ALA B 130 1.66 -19.53 -2.05
C ALA B 130 0.58 -20.55 -1.71
N LYS B 131 0.69 -21.77 -2.25
CA LYS B 131 -0.27 -22.81 -1.93
C LYS B 131 -0.15 -23.25 -0.48
N GLU B 132 1.08 -23.34 0.03
CA GLU B 132 1.28 -23.72 1.43
C GLU B 132 0.74 -22.65 2.36
N ALA B 133 0.97 -21.37 2.03
CA ALA B 133 0.44 -20.29 2.85
C ALA B 133 -1.08 -20.25 2.81
N ALA B 134 -1.67 -20.59 1.67
CA ALA B 134 -3.12 -20.60 1.56
C ALA B 134 -3.73 -21.75 2.36
N ARG B 135 -3.08 -22.91 2.34
CA ARG B 135 -3.59 -24.05 3.10
C ARG B 135 -3.50 -23.81 4.60
N GLN B 136 -2.44 -23.14 5.05
CA GLN B 136 -2.32 -22.82 6.47
C GLN B 136 -3.28 -21.70 6.87
N ALA B 137 -3.44 -20.70 6.00
CA ALA B 137 -4.34 -19.59 6.31
C ALA B 137 -5.78 -20.06 6.44
N GLU B 138 -6.20 -21.00 5.58
CA GLU B 138 -7.55 -21.54 5.67
C GLU B 138 -7.70 -22.40 6.91
N GLU B 139 -6.69 -23.22 7.22
CA GLU B 139 -6.72 -24.02 8.45
C GLU B 139 -6.84 -23.11 9.67
N ILE B 140 -6.05 -22.03 9.70
CA ILE B 140 -6.10 -21.10 10.83
C ILE B 140 -7.43 -20.36 10.85
N ALA B 141 -8.00 -20.06 9.68
CA ALA B 141 -9.29 -19.39 9.64
C ALA B 141 -10.39 -20.29 10.20
N LYS B 142 -10.36 -21.59 9.87
CA LYS B 142 -11.36 -22.50 10.41
C LYS B 142 -11.15 -22.72 11.91
N GLU B 143 -9.89 -22.77 12.35
CA GLU B 143 -9.61 -22.93 13.78
C GLU B 143 -10.08 -21.72 14.57
N ALA B 144 -9.76 -20.52 14.10
CA ALA B 144 -10.17 -19.31 14.80
C ALA B 144 -11.68 -19.13 14.78
N ARG B 145 -12.33 -19.49 13.66
CA ARG B 145 -13.77 -19.39 13.58
C ARG B 145 -14.45 -20.34 14.55
N GLU B 146 -13.93 -21.56 14.67
CA GLU B 146 -14.50 -22.53 15.60
C GLU B 146 -14.32 -22.08 17.04
N ARG B 147 -13.20 -21.44 17.34
CA ARG B 147 -12.92 -20.93 18.68
C ARG B 147 -13.55 -19.58 18.95
N GLY B 148 -14.34 -19.05 18.01
CA GLY B 148 -14.98 -17.76 18.21
C GLY B 148 -14.05 -16.56 18.10
N ASN B 149 -12.83 -16.75 17.60
CA ASN B 149 -11.88 -15.65 17.42
C ASN B 149 -12.08 -15.10 16.01
N PHE B 150 -13.04 -14.18 15.89
CA PHE B 150 -13.42 -13.67 14.58
C PHE B 150 -12.38 -12.72 14.02
N GLU B 151 -11.69 -11.95 14.88
CA GLU B 151 -10.64 -11.06 14.40
C GLU B 151 -9.49 -11.85 13.81
N LEU B 152 -9.07 -12.92 14.50
CA LEU B 152 -8.00 -13.77 13.98
C LEU B 152 -8.44 -14.48 12.71
N ALA B 153 -9.70 -14.92 12.66
CA ALA B 153 -10.21 -15.58 11.45
C ALA B 153 -10.22 -14.62 10.27
N LEU B 154 -10.61 -13.36 10.49
CA LEU B 154 -10.63 -12.39 9.41
C LEU B 154 -9.22 -12.07 8.94
N GLU B 155 -8.25 -12.03 9.86
CA GLU B 155 -6.86 -11.82 9.45
C GLU B 155 -6.35 -12.97 8.61
N ALA B 156 -6.77 -14.19 8.93
CA ALA B 156 -6.35 -15.35 8.15
C ALA B 156 -7.00 -15.34 6.77
N LEU B 157 -8.24 -14.87 6.68
CA LEU B 157 -8.94 -14.86 5.40
C LEU B 157 -8.37 -13.81 4.46
N GLU B 158 -7.77 -12.75 5.00
CA GLU B 158 -7.08 -11.78 4.15
C GLU B 158 -5.83 -12.40 3.53
N ILE B 159 -5.06 -13.13 4.34
CA ILE B 159 -3.89 -13.83 3.81
C ILE B 159 -4.30 -14.87 2.79
N LEU B 160 -5.44 -15.53 3.02
CA LEU B 160 -5.95 -16.49 2.04
C LEU B 160 -6.22 -15.83 0.71
N ASN B 161 -6.82 -14.64 0.71
CA ASN B 161 -7.07 -13.94 -0.53
C ASN B 161 -5.78 -13.47 -1.19
N GLU B 162 -4.81 -13.04 -0.38
CA GLU B 162 -3.52 -12.62 -0.92
C GLU B 162 -2.80 -13.78 -1.60
N ALA B 163 -2.88 -14.97 -1.00
CA ALA B 163 -2.25 -16.14 -1.61
C ALA B 163 -2.97 -16.55 -2.88
N ALA B 164 -4.31 -16.52 -2.87
CA ALA B 164 -5.07 -16.87 -4.06
C ALA B 164 -4.89 -15.84 -5.17
N ARG B 165 -4.65 -14.58 -4.80
CA ARG B 165 -4.37 -13.55 -5.80
C ARG B 165 -3.05 -13.83 -6.52
N VAL B 166 -2.06 -14.34 -5.79
CA VAL B 166 -0.78 -14.66 -6.41
C VAL B 166 -0.89 -15.94 -7.24
N LEU B 167 -1.60 -16.95 -6.71
CA LEU B 167 -1.75 -18.19 -7.45
C LEU B 167 -2.53 -18.00 -8.74
N ALA B 168 -3.40 -16.99 -8.80
CA ALA B 168 -4.16 -16.73 -10.01
C ALA B 168 -3.31 -16.07 -11.08
N ARG B 169 -2.45 -15.12 -10.69
CA ARG B 169 -1.57 -14.47 -11.66
C ARG B 169 -0.58 -15.46 -12.26
N ILE B 170 -0.16 -16.46 -11.48
CA ILE B 170 0.68 -17.51 -12.02
C ILE B 170 -0.08 -18.35 -13.03
N ALA B 171 -1.37 -18.60 -12.76
CA ALA B 171 -2.18 -19.39 -13.67
C ALA B 171 -2.41 -18.66 -14.99
N HIS B 172 -2.53 -17.33 -14.97
CA HIS B 172 -2.69 -16.58 -16.20
C HIS B 172 -1.37 -16.38 -16.91
N HIS B 173 -0.26 -16.21 -16.17
CA HIS B 173 1.04 -16.07 -16.80
C HIS B 173 1.46 -17.38 -17.47
N ARG B 174 1.29 -18.50 -16.77
CA ARG B 174 1.59 -19.81 -17.32
C ARG B 174 0.36 -20.34 -18.06
N GLY B 175 0.42 -21.60 -18.47
CA GLY B 175 -0.65 -22.22 -19.22
C GLY B 175 -1.66 -22.99 -18.41
N ASN B 176 -1.59 -22.93 -17.09
CA ASN B 176 -2.50 -23.69 -16.25
C ASN B 176 -3.86 -23.00 -16.17
N GLN B 177 -4.92 -23.78 -16.37
CA GLN B 177 -6.29 -23.30 -16.19
C GLN B 177 -6.95 -23.86 -14.94
N GLU B 178 -6.55 -25.04 -14.50
CA GLU B 178 -7.08 -25.60 -13.26
C GLU B 178 -6.64 -24.79 -12.04
N LEU B 179 -5.43 -24.23 -12.09
CA LEU B 179 -4.97 -23.40 -10.97
C LEU B 179 -5.78 -22.11 -10.87
N LEU B 180 -6.19 -21.55 -12.01
CA LEU B 180 -7.07 -20.38 -11.99
C LEU B 180 -8.43 -20.69 -11.40
N GLU B 181 -8.85 -21.95 -11.44
CA GLU B 181 -10.11 -22.35 -10.80
C GLU B 181 -9.93 -22.53 -9.30
N GLU B 182 -8.80 -23.09 -8.88
CA GLU B 182 -8.56 -23.27 -7.45
C GLU B 182 -8.37 -21.92 -6.75
N ALA B 183 -7.59 -21.02 -7.36
CA ALA B 183 -7.46 -19.68 -6.80
C ALA B 183 -8.79 -18.96 -6.77
N TRP B 184 -9.69 -19.31 -7.68
CA TRP B 184 -11.02 -18.70 -7.68
C TRP B 184 -11.88 -19.24 -6.54
N ARG B 185 -11.71 -20.51 -6.19
CA ARG B 185 -12.47 -21.06 -5.07
C ARG B 185 -11.96 -20.52 -3.74
N LEU B 186 -10.65 -20.31 -3.63
CA LEU B 186 -10.09 -19.75 -2.40
C LEU B 186 -10.52 -18.30 -2.20
N THR B 187 -10.59 -17.53 -3.29
CA THR B 187 -11.05 -16.15 -3.18
C THR B 187 -12.52 -16.09 -2.79
N HIS B 188 -13.35 -16.98 -3.38
CA HIS B 188 -14.75 -17.04 -3.00
C HIS B 188 -14.91 -17.43 -1.54
N ARG B 189 -14.09 -18.38 -1.07
CA ARG B 189 -14.17 -18.80 0.33
C ARG B 189 -13.79 -17.66 1.27
N SER B 190 -12.76 -16.89 0.91
CA SER B 190 -12.37 -15.76 1.72
C SER B 190 -13.50 -14.73 1.82
N ALA B 191 -14.17 -14.46 0.70
CA ALA B 191 -15.28 -13.51 0.72
C ALA B 191 -16.49 -14.09 1.42
N LYS B 192 -16.78 -15.38 1.20
CA LYS B 192 -17.96 -15.99 1.80
C LYS B 192 -17.86 -16.05 3.32
N TRP B 193 -16.73 -16.54 3.84
CA TRP B 193 -16.57 -16.62 5.28
C TRP B 193 -16.48 -15.24 5.92
N SER B 194 -15.96 -14.25 5.19
CA SER B 194 -15.91 -12.89 5.71
C SER B 194 -17.31 -12.30 5.83
N ARG B 195 -18.18 -12.55 4.85
CA ARG B 195 -19.55 -12.08 4.94
C ARG B 195 -20.28 -12.73 6.12
N GLU B 196 -20.03 -14.02 6.36
CA GLU B 196 -20.65 -14.70 7.48
C GLU B 196 -20.22 -14.07 8.80
N ILE B 197 -18.94 -13.73 8.93
CA ILE B 197 -18.47 -13.07 10.14
C ILE B 197 -19.09 -11.69 10.29
N ALA B 198 -19.24 -10.97 9.16
CA ALA B 198 -19.87 -9.66 9.21
C ALA B 198 -21.33 -9.76 9.66
N GLU B 199 -22.04 -10.80 9.19
CA GLU B 199 -23.43 -10.97 9.57
C GLU B 199 -23.56 -11.37 11.04
N GLN B 200 -22.64 -12.19 11.54
CA GLN B 200 -22.66 -12.55 12.95
C GLN B 200 -22.30 -11.37 13.84
N ALA B 201 -21.43 -10.48 13.36
CA ALA B 201 -21.05 -9.32 14.15
C ALA B 201 -22.15 -8.28 14.23
N ARG B 202 -23.13 -8.33 13.32
CA ARG B 202 -24.26 -7.41 13.41
C ARG B 202 -25.27 -7.88 14.45
N LYS B 203 -25.54 -9.18 14.52
CA LYS B 203 -26.48 -9.72 15.50
C LYS B 203 -25.87 -9.70 16.89
N SER C 1 -20.11 -5.95 16.81
CA SER C 1 -18.79 -5.34 16.79
C SER C 1 -18.52 -4.64 15.46
N PRO C 2 -18.83 -3.34 15.39
CA PRO C 2 -18.51 -2.58 14.17
C PRO C 2 -17.10 -2.77 13.65
N ARG C 3 -16.12 -2.91 14.55
CA ARG C 3 -14.75 -3.15 14.11
C ARG C 3 -14.61 -4.47 13.39
N LEU C 4 -15.41 -5.48 13.77
CA LEU C 4 -15.38 -6.75 13.06
C LEU C 4 -16.03 -6.62 11.68
N VAL C 5 -17.14 -5.88 11.59
CA VAL C 5 -17.79 -5.66 10.30
C VAL C 5 -16.86 -4.89 9.37
N LEU C 6 -16.21 -3.84 9.89
CA LEU C 6 -15.24 -3.09 9.11
C LEU C 6 -14.18 -3.99 8.49
N ARG C 7 -13.58 -4.86 9.30
CA ARG C 7 -12.53 -5.73 8.82
C ARG C 7 -13.06 -6.75 7.82
N ALA C 8 -14.29 -7.23 8.02
CA ALA C 8 -14.87 -8.18 7.08
C ALA C 8 -15.15 -7.53 5.74
N LEU C 9 -15.61 -6.28 5.74
CA LEU C 9 -15.85 -5.57 4.50
C LEU C 9 -14.55 -5.29 3.74
N GLU C 10 -13.45 -5.05 4.46
CA GLU C 10 -12.16 -4.86 3.81
C GLU C 10 -11.73 -6.13 3.08
N ASN C 11 -11.91 -7.29 3.72
CA ASN C 11 -11.62 -8.56 3.05
C ASN C 11 -12.51 -8.74 1.83
N MET C 12 -13.78 -8.32 1.95
CA MET C 12 -14.76 -8.57 0.90
C MET C 12 -14.47 -7.74 -0.34
N VAL C 13 -14.10 -6.46 -0.16
CA VAL C 13 -13.80 -5.62 -1.31
C VAL C 13 -12.46 -6.02 -1.94
N ARG C 14 -11.52 -6.52 -1.15
CA ARG C 14 -10.27 -7.02 -1.70
C ARG C 14 -10.51 -8.29 -2.50
N ALA C 15 -11.42 -9.14 -2.04
CA ALA C 15 -11.76 -10.35 -2.78
C ALA C 15 -12.48 -10.00 -4.08
N ALA C 16 -13.34 -8.98 -4.06
CA ALA C 16 -14.04 -8.57 -5.27
C ALA C 16 -13.05 -8.05 -6.31
N HIS C 17 -12.01 -7.35 -5.87
CA HIS C 17 -10.97 -6.91 -6.80
C HIS C 17 -10.23 -8.11 -7.39
N THR C 18 -9.96 -9.12 -6.56
CA THR C 18 -9.30 -10.33 -7.06
C THR C 18 -10.22 -11.10 -8.01
N LEU C 19 -11.50 -11.21 -7.67
CA LEU C 19 -12.45 -11.91 -8.54
C LEU C 19 -12.55 -11.23 -9.90
N ALA C 20 -12.47 -9.90 -9.93
CA ALA C 20 -12.53 -9.19 -11.21
C ALA C 20 -11.27 -9.44 -12.04
N GLU C 21 -10.11 -9.55 -11.37
CA GLU C 21 -8.87 -9.82 -12.08
C GLU C 21 -8.88 -11.23 -12.66
N ILE C 22 -9.32 -12.21 -11.88
CA ILE C 22 -9.37 -13.59 -12.36
C ILE C 22 -10.35 -13.71 -13.52
N ALA C 23 -11.46 -12.97 -13.45
CA ALA C 23 -12.46 -13.02 -14.51
C ALA C 23 -11.96 -12.34 -15.77
N ARG C 24 -11.29 -11.19 -15.62
CA ARG C 24 -10.77 -10.49 -16.79
C ARG C 24 -9.60 -11.24 -17.42
N ASP C 25 -8.77 -11.88 -16.59
CA ASP C 25 -7.66 -12.65 -17.12
C ASP C 25 -8.15 -13.86 -17.91
N ASN C 26 -9.12 -14.59 -17.36
CA ASN C 26 -9.72 -15.71 -18.06
C ASN C 26 -10.71 -15.28 -19.14
N GLY C 27 -11.13 -14.02 -19.14
CA GLY C 27 -12.14 -13.58 -20.09
C GLY C 27 -13.51 -14.12 -19.82
N ASN C 28 -13.77 -14.63 -18.62
CA ASN C 28 -15.07 -15.19 -18.28
C ASN C 28 -16.02 -14.05 -17.93
N GLU C 29 -17.14 -13.97 -18.65
CA GLU C 29 -18.07 -12.85 -18.47
C GLU C 29 -18.99 -13.06 -17.28
N GLU C 30 -19.52 -14.27 -17.11
CA GLU C 30 -20.36 -14.54 -15.95
C GLU C 30 -19.56 -14.44 -14.66
N TRP C 31 -18.27 -14.74 -14.72
CA TRP C 31 -17.41 -14.56 -13.55
C TRP C 31 -17.25 -13.09 -13.21
N LEU C 32 -17.12 -12.23 -14.24
CA LEU C 32 -16.96 -10.80 -13.99
C LEU C 32 -18.21 -10.20 -13.36
N GLU C 33 -19.39 -10.64 -13.81
CA GLU C 33 -20.63 -10.19 -13.19
C GLU C 33 -20.70 -10.60 -11.73
N ARG C 34 -20.11 -11.76 -11.40
CA ARG C 34 -20.06 -12.20 -10.01
C ARG C 34 -19.12 -11.34 -9.18
N ALA C 35 -18.07 -10.81 -9.81
CA ALA C 35 -17.17 -9.90 -9.10
C ALA C 35 -17.82 -8.53 -8.90
N ALA C 36 -18.51 -8.03 -9.92
CA ALA C 36 -19.21 -6.76 -9.78
C ALA C 36 -20.34 -6.85 -8.76
N ARG C 37 -20.98 -8.02 -8.66
CA ARG C 37 -22.01 -8.21 -7.64
C ARG C 37 -21.44 -8.04 -6.24
N LEU C 38 -20.26 -8.62 -6.00
CA LEU C 38 -19.63 -8.53 -4.68
C LEU C 38 -19.22 -7.09 -4.37
N ALA C 39 -18.67 -6.38 -5.36
CA ALA C 39 -18.29 -4.99 -5.15
C ALA C 39 -19.51 -4.12 -4.84
N GLU C 40 -20.62 -4.38 -5.54
CA GLU C 40 -21.85 -3.64 -5.25
C GLU C 40 -22.37 -3.95 -3.85
N GLU C 41 -22.28 -5.22 -3.43
CA GLU C 41 -22.74 -5.59 -2.10
C GLU C 41 -21.88 -4.91 -1.02
N VAL C 42 -20.57 -4.84 -1.25
CA VAL C 42 -19.70 -4.16 -0.29
C VAL C 42 -20.04 -2.68 -0.21
N ALA C 43 -20.35 -2.06 -1.35
CA ALA C 43 -20.74 -0.65 -1.35
C ALA C 43 -22.01 -0.44 -0.54
N ARG C 44 -22.99 -1.33 -0.69
CA ARG C 44 -24.21 -1.24 0.11
C ARG C 44 -23.91 -1.39 1.59
N ARG C 45 -23.11 -2.40 1.96
CA ARG C 45 -22.80 -2.64 3.36
C ARG C 45 -21.96 -1.51 3.95
N ALA C 46 -21.04 -0.96 3.14
CA ALA C 46 -20.16 0.10 3.65
C ALA C 46 -20.93 1.40 3.89
N GLU C 47 -21.86 1.72 2.98
CA GLU C 47 -22.68 2.92 3.18
C GLU C 47 -23.56 2.78 4.43
N GLU C 48 -24.18 1.62 4.61
CA GLU C 48 -25.01 1.40 5.78
C GLU C 48 -24.17 1.43 7.06
N LEU C 49 -22.95 0.91 7.00
CA LEU C 49 -22.07 0.95 8.17
C LEU C 49 -21.64 2.39 8.48
N ALA C 50 -21.33 3.17 7.46
CA ALA C 50 -20.94 4.57 7.68
C ALA C 50 -22.12 5.39 8.16
N ARG C 51 -23.32 5.12 7.64
CA ARG C 51 -24.51 5.86 8.08
C ARG C 51 -24.87 5.54 9.52
N GLU C 52 -24.81 4.26 9.90
CA GLU C 52 -25.08 3.89 11.28
C GLU C 52 -24.02 4.45 12.23
N ALA C 53 -22.76 4.50 11.78
CA ALA C 53 -21.71 5.10 12.59
C ALA C 53 -21.89 6.60 12.72
N ARG C 54 -22.30 7.26 11.63
CA ARG C 54 -22.54 8.70 11.70
C ARG C 54 -23.74 9.02 12.56
N GLU C 55 -24.79 8.19 12.50
CA GLU C 55 -25.96 8.40 13.33
C GLU C 55 -25.66 8.11 14.81
N LYS C 56 -24.67 7.29 15.10
CA LYS C 56 -24.31 7.00 16.49
C LYS C 56 -23.27 7.96 17.05
N GLY C 57 -22.47 8.59 16.20
CA GLY C 57 -21.47 9.54 16.64
C GLY C 57 -20.04 9.07 16.49
N ASP C 58 -19.81 7.85 16.01
CA ASP C 58 -18.46 7.33 15.80
C ASP C 58 -18.02 7.74 14.40
N LEU C 59 -17.37 8.90 14.31
CA LEU C 59 -17.03 9.47 13.00
C LEU C 59 -15.74 8.86 12.43
N GLU C 60 -14.81 8.44 13.29
CA GLU C 60 -13.64 7.72 12.80
C GLU C 60 -14.06 6.42 12.13
N LEU C 61 -15.00 5.69 12.74
CA LEU C 61 -15.52 4.47 12.13
C LEU C 61 -16.24 4.78 10.82
N ALA C 62 -17.04 5.85 10.81
CA ALA C 62 -17.75 6.23 9.59
C ALA C 62 -16.78 6.55 8.46
N LEU C 63 -15.67 7.22 8.78
CA LEU C 63 -14.68 7.53 7.75
C LEU C 63 -14.02 6.26 7.21
N LYS C 64 -13.75 5.29 8.09
CA LYS C 64 -13.15 4.04 7.64
C LYS C 64 -14.13 3.25 6.78
N ALA C 65 -15.42 3.31 7.09
CA ALA C 65 -16.42 2.66 6.25
C ALA C 65 -16.57 3.37 4.91
N LEU C 66 -16.41 4.71 4.90
CA LEU C 66 -16.48 5.44 3.64
C LEU C 66 -15.28 5.13 2.75
N GLN C 67 -14.12 4.84 3.34
CA GLN C 67 -12.97 4.43 2.55
C GLN C 67 -13.23 3.11 1.85
N ILE C 68 -13.92 2.19 2.54
CA ILE C 68 -14.33 0.93 1.91
C ILE C 68 -15.33 1.21 0.79
N LEU C 69 -16.23 2.16 1.01
CA LEU C 69 -17.18 2.55 -0.04
C LEU C 69 -16.44 3.08 -1.26
N VAL C 70 -15.40 3.89 -1.04
CA VAL C 70 -14.62 4.41 -2.16
C VAL C 70 -13.89 3.29 -2.88
N ASN C 71 -13.31 2.34 -2.13
CA ASN C 71 -12.62 1.22 -2.74
C ASN C 71 -13.58 0.35 -3.55
N ALA C 72 -14.81 0.19 -3.07
CA ALA C 72 -15.80 -0.58 -3.82
C ALA C 72 -16.19 0.15 -5.10
N ALA C 73 -16.31 1.48 -5.04
CA ALA C 73 -16.59 2.24 -6.25
C ALA C 73 -15.43 2.16 -7.24
N TYR C 74 -14.19 2.06 -6.74
CA TYR C 74 -13.04 1.89 -7.62
C TYR C 74 -13.11 0.57 -8.36
N VAL C 75 -13.44 -0.51 -7.65
CA VAL C 75 -13.55 -1.82 -8.29
C VAL C 75 -14.66 -1.81 -9.34
N LEU C 76 -15.79 -1.17 -9.02
CA LEU C 76 -16.90 -1.11 -9.97
C LEU C 76 -16.55 -0.24 -11.17
N ALA C 77 -15.77 0.83 -10.95
CA ALA C 77 -15.40 1.70 -12.06
C ALA C 77 -14.42 0.99 -13.01
N GLU C 78 -13.48 0.23 -12.45
CA GLU C 78 -12.55 -0.51 -13.30
C GLU C 78 -13.26 -1.59 -14.11
N ILE C 79 -14.27 -2.24 -13.51
CA ILE C 79 -15.06 -3.22 -14.24
C ILE C 79 -15.87 -2.54 -15.34
N ALA C 80 -16.37 -1.33 -15.07
CA ALA C 80 -17.11 -0.59 -16.08
C ALA C 80 -16.20 -0.11 -17.20
N ARG C 81 -14.96 0.27 -16.86
CA ARG C 81 -14.03 0.73 -17.87
C ARG C 81 -13.58 -0.39 -18.79
N ASP C 82 -13.23 -1.55 -18.21
CA ASP C 82 -12.80 -2.67 -19.01
C ASP C 82 -13.93 -3.22 -19.88
N ARG C 83 -15.17 -3.10 -19.42
CA ARG C 83 -16.33 -3.57 -20.17
C ARG C 83 -17.00 -2.46 -20.98
N GLY C 84 -16.55 -1.23 -20.85
CA GLY C 84 -17.14 -0.12 -21.59
C GLY C 84 -18.61 0.10 -21.26
N ASN C 85 -18.99 -0.06 -20.00
CA ASN C 85 -20.37 0.06 -19.57
C ASN C 85 -20.55 1.43 -18.90
N GLU C 86 -21.27 2.33 -19.58
CA GLU C 86 -21.46 3.67 -19.04
C GLU C 86 -22.45 3.68 -17.87
N GLU C 87 -23.44 2.78 -17.88
CA GLU C 87 -24.41 2.74 -16.79
C GLU C 87 -23.75 2.31 -15.49
N LEU C 88 -22.85 1.33 -15.55
CA LEU C 88 -22.14 0.91 -14.33
C LEU C 88 -21.17 1.98 -13.86
N LEU C 89 -20.53 2.68 -14.80
CA LEU C 89 -19.58 3.73 -14.42
C LEU C 89 -20.29 4.88 -13.71
N LYS C 90 -21.48 5.25 -14.18
CA LYS C 90 -22.24 6.29 -13.51
C LYS C 90 -22.63 5.86 -12.10
N LYS C 91 -22.99 4.59 -11.93
CA LYS C 91 -23.30 4.08 -10.60
C LYS C 91 -22.06 4.09 -9.72
N ALA C 92 -20.89 3.77 -10.29
CA ALA C 92 -19.65 3.83 -9.53
C ALA C 92 -19.31 5.27 -9.16
N HIS C 93 -19.55 6.21 -10.07
CA HIS C 93 -19.32 7.62 -9.76
C HIS C 93 -20.27 8.11 -8.69
N GLU C 94 -21.52 7.64 -8.71
CA GLU C 94 -22.50 8.06 -7.70
C GLU C 94 -22.11 7.56 -6.31
N LEU C 95 -21.51 6.37 -6.23
CA LEU C 95 -21.07 5.86 -4.93
C LEU C 95 -19.91 6.67 -4.38
N ALA C 96 -18.97 7.09 -5.25
CA ALA C 96 -17.86 7.92 -4.81
C ALA C 96 -18.34 9.30 -4.40
N ARG C 97 -19.28 9.87 -5.16
CA ARG C 97 -19.82 11.18 -4.80
C ARG C 97 -20.58 11.12 -3.48
N LYS C 98 -21.27 10.01 -3.22
CA LYS C 98 -21.94 9.83 -1.93
C LYS C 98 -20.93 9.76 -0.80
N ALA C 99 -19.85 8.99 -1.00
CA ALA C 99 -18.80 8.91 0.02
C ALA C 99 -18.17 10.28 0.25
N ALA C 100 -18.01 11.07 -0.81
CA ALA C 100 -17.46 12.42 -0.65
C ALA C 100 -18.43 13.32 0.10
N GLU C 101 -19.72 13.18 -0.18
CA GLU C 101 -20.71 14.01 0.52
C GLU C 101 -20.76 13.68 2.01
N GLU C 102 -20.65 12.40 2.36
CA GLU C 102 -20.64 12.02 3.77
C GLU C 102 -19.36 12.48 4.46
N ALA C 103 -18.23 12.36 3.78
CA ALA C 103 -16.97 12.82 4.37
C ALA C 103 -16.94 14.34 4.50
N GLN C 104 -17.62 15.05 3.60
CA GLN C 104 -17.68 16.51 3.70
C GLN C 104 -18.41 16.94 4.98
N LYS C 105 -19.48 16.23 5.33
CA LYS C 105 -20.21 16.57 6.56
C LYS C 105 -19.35 16.32 7.80
N ILE C 106 -18.60 15.21 7.81
CA ILE C 106 -17.72 14.94 8.94
C ILE C 106 -16.59 15.96 8.98
N ALA C 107 -16.05 16.33 7.81
CA ALA C 107 -14.97 17.31 7.76
C ALA C 107 -15.40 18.66 8.31
N GLU C 108 -16.64 19.06 8.03
CA GLU C 108 -17.11 20.36 8.50
C GLU C 108 -17.27 20.37 10.01
N GLN C 109 -17.79 19.28 10.59
N GLN C 109 -17.81 19.28 10.59
CA GLN C 109 -17.96 19.23 12.03
CA GLN C 109 -17.96 19.23 12.03
C GLN C 109 -16.62 19.20 12.75
C GLN C 109 -16.62 19.23 12.75
N ALA C 110 -15.64 18.49 12.19
CA ALA C 110 -14.32 18.45 12.81
C ALA C 110 -13.64 19.81 12.73
N ARG C 111 -13.79 20.51 11.61
CA ARG C 111 -13.24 21.86 11.49
C ARG C 111 -13.93 22.82 12.45
N TYR C 112 -15.25 22.68 12.62
CA TYR C 112 -15.99 23.57 13.50
C TYR C 112 -15.55 23.41 14.95
N GLU C 113 -15.31 22.16 15.38
CA GLU C 113 -14.91 21.89 16.75
C GLU C 113 -13.40 21.93 16.95
N GLY C 114 -12.63 22.27 15.92
CA GLY C 114 -11.19 22.28 16.04
C GLY C 114 -10.58 20.91 16.19
N ASN C 115 -11.25 19.87 15.69
CA ASN C 115 -10.76 18.50 15.76
C ASN C 115 -9.91 18.24 14.52
N LEU C 116 -8.65 18.71 14.57
CA LEU C 116 -7.78 18.64 13.41
C LEU C 116 -7.41 17.21 13.05
N GLU C 117 -7.31 16.32 14.04
CA GLU C 117 -7.03 14.92 13.76
C GLU C 117 -8.13 14.31 12.90
N LEU C 118 -9.38 14.47 13.30
CA LEU C 118 -10.50 13.97 12.51
C LEU C 118 -10.62 14.73 11.20
N PHE C 119 -10.31 16.02 11.20
CA PHE C 119 -10.42 16.83 10.00
C PHE C 119 -9.49 16.33 8.90
N ASN C 120 -8.24 15.98 9.26
CA ASN C 120 -7.32 15.44 8.27
C ASN C 120 -7.80 14.10 7.74
N LYS C 121 -8.43 13.29 8.61
CA LYS C 121 -8.92 11.98 8.18
C LYS C 121 -10.08 12.13 7.20
N ALA C 122 -10.95 13.12 7.41
CA ALA C 122 -12.10 13.31 6.53
C ALA C 122 -11.67 13.89 5.19
N LEU C 123 -10.71 14.82 5.18
CA LEU C 123 -10.20 15.35 3.93
C LEU C 123 -9.50 14.27 3.11
N ARG C 124 -8.86 13.31 3.78
CA ARG C 124 -8.24 12.21 3.06
C ARG C 124 -9.28 11.38 2.31
N ILE C 125 -10.41 11.10 2.96
CA ILE C 125 -11.48 10.36 2.30
C ILE C 125 -12.03 11.18 1.14
N LEU C 126 -12.13 12.50 1.32
CA LEU C 126 -12.57 13.37 0.23
C LEU C 126 -11.65 13.26 -0.98
N LEU C 127 -10.34 13.23 -0.74
CA LEU C 127 -9.40 13.09 -1.84
C LEU C 127 -9.53 11.73 -2.52
N GLU C 128 -9.68 10.66 -1.73
CA GLU C 128 -9.79 9.33 -2.31
C GLU C 128 -11.03 9.20 -3.18
N ALA C 129 -12.13 9.83 -2.77
CA ALA C 129 -13.35 9.79 -3.58
C ALA C 129 -13.18 10.58 -4.88
N ILE C 130 -12.40 11.66 -4.85
CA ILE C 130 -12.17 12.45 -6.05
C ILE C 130 -11.32 11.66 -7.04
N ARG C 131 -10.38 10.86 -6.53
CA ARG C 131 -9.53 10.05 -7.39
C ARG C 131 -10.35 9.07 -8.21
N VAL C 132 -11.41 8.52 -7.62
CA VAL C 132 -12.29 7.61 -8.36
C VAL C 132 -12.99 8.34 -9.49
N LEU C 133 -13.46 9.57 -9.22
CA LEU C 133 -14.07 10.37 -10.27
C LEU C 133 -13.05 10.84 -11.30
N ILE C 134 -11.78 10.94 -10.90
CA ILE C 134 -10.74 11.36 -11.83
C ILE C 134 -10.21 10.18 -12.64
N GLU C 135 -10.13 9.00 -12.03
CA GLU C 135 -9.62 7.81 -12.70
C GLU C 135 -10.30 7.59 -14.03
N HIS C 136 -9.53 7.69 -15.12
CA HIS C 136 -10.04 7.58 -16.48
C HIS C 136 -11.28 8.46 -16.69
N ASP C 137 -11.21 9.69 -16.18
CA ASP C 137 -12.29 10.65 -16.39
C ASP C 137 -12.35 11.03 -17.87
N ASP C 138 -11.36 11.80 -18.32
CA ASP C 138 -11.27 12.26 -19.71
C ASP C 138 -12.54 12.99 -20.14
N SER C 139 -13.24 13.57 -19.18
CA SER C 139 -14.36 14.48 -19.42
C SER C 139 -13.86 15.86 -19.01
N GLU C 140 -13.38 16.62 -20.00
CA GLU C 140 -12.70 17.88 -19.71
C GLU C 140 -13.59 18.85 -18.94
N GLU C 141 -14.90 18.80 -19.15
CA GLU C 141 -15.81 19.63 -18.37
C GLU C 141 -15.81 19.21 -16.91
N ALA C 142 -15.83 17.90 -16.64
CA ALA C 142 -15.77 17.43 -15.26
C ALA C 142 -14.38 17.62 -14.67
N ALA C 143 -13.34 17.63 -15.51
CA ALA C 143 -11.99 17.85 -15.00
C ALA C 143 -11.81 19.27 -14.48
N ARG C 144 -12.51 20.24 -15.07
CA ARG C 144 -12.44 21.61 -14.59
C ARG C 144 -13.10 21.74 -13.22
N GLU C 145 -14.25 21.09 -13.04
CA GLU C 145 -14.92 21.13 -11.74
C GLU C 145 -14.12 20.37 -10.69
N LEU C 146 -13.45 19.29 -11.08
CA LEU C 146 -12.63 18.53 -10.14
C LEU C 146 -11.36 19.30 -9.78
N ILE C 147 -10.84 20.11 -10.70
CA ILE C 147 -9.69 20.95 -10.38
C ILE C 147 -10.07 21.99 -9.33
N ARG C 148 -11.24 22.60 -9.47
CA ARG C 148 -11.69 23.57 -8.48
C ARG C 148 -11.92 22.92 -7.12
N ARG C 149 -12.46 21.70 -7.11
CA ARG C 149 -12.66 20.99 -5.85
C ARG C 149 -11.33 20.62 -5.21
N LEU C 150 -10.33 20.27 -6.02
CA LEU C 150 -9.01 19.98 -5.48
C LEU C 150 -8.33 21.24 -4.97
N GLU C 151 -8.50 22.36 -5.68
CA GLU C 151 -7.93 23.62 -5.22
C GLU C 151 -8.56 24.07 -3.92
N GLU C 152 -9.89 23.93 -3.79
CA GLU C 152 -10.54 24.23 -2.52
C GLU C 152 -10.09 23.28 -1.42
N LEU C 153 -9.86 22.00 -1.78
CA LEU C 153 -9.32 21.06 -0.82
C LEU C 153 -7.92 21.48 -0.37
N LEU C 154 -7.13 22.05 -1.29
CA LEU C 154 -5.81 22.53 -0.93
C LEU C 154 -5.90 23.64 0.11
N GLU C 155 -6.80 24.61 -0.10
CA GLU C 155 -6.90 25.74 0.81
C GLU C 155 -7.52 25.33 2.15
N GLN C 156 -8.44 24.36 2.15
CA GLN C 156 -9.01 23.88 3.39
C GLN C 156 -7.94 23.25 4.29
N SER C 157 -7.03 22.47 3.69
CA SER C 157 -5.99 21.83 4.49
C SER C 157 -4.92 22.82 4.91
N ARG C 158 -4.62 23.80 4.06
CA ARG C 158 -3.60 24.79 4.40
C ARG C 158 -4.09 25.81 5.41
N ARG C 159 -5.40 26.08 5.43
CA ARG C 159 -5.95 27.03 6.40
C ARG C 159 -6.06 26.46 7.80
N SER C 160 -6.09 25.13 7.94
CA SER C 160 -6.20 24.50 9.24
C SER C 160 -4.88 24.57 10.00
#